data_2P3P
#
_entry.id   2P3P
#
_cell.length_a   43.753
_cell.length_b   48.259
_cell.length_c   54.191
_cell.angle_alpha   86.55
_cell.angle_beta   79.58
_cell.angle_gamma   68.35
#
_symmetry.space_group_name_H-M   'P 1'
#
loop_
_entity.id
_entity.type
_entity.pdbx_description
1 polymer 'Hypothetical protein'
2 non-polymer 'MAGNESIUM ION'
3 water water
#
_entity_poly.entity_id   1
_entity_poly.type   'polypeptide(L)'
_entity_poly.pdbx_seq_one_letter_code
;SNASQEIVAGELERCFLA(MSE)PESVLPIVT(MSE)EERNDLCRRAGHLSGFTHTASLESSLGGTVTFLLNRNFIRIQT
STVGEVF(MSE)RILPFSDSSSVICVVTTVLHPVADSRIDFYTTEWKPLKTDRFWQQPRIEDFFLPHTDRQSYAYQAIYA
SLTPSY(MSE)QVSLSEESDTLSIRQTVTETLAEEEKPLAAIFLSPEPLVYRWQSGRFVRQVR
;
_entity_poly.pdbx_strand_id   A,B
#
loop_
_chem_comp.id
_chem_comp.type
_chem_comp.name
_chem_comp.formula
MG non-polymer 'MAGNESIUM ION' 'Mg 2'
#
# COMPACT_ATOMS: atom_id res chain seq x y z
N ALA A 9 25.09 -9.08 12.90
CA ALA A 9 23.63 -9.31 12.75
C ALA A 9 23.05 -8.39 11.67
N GLY A 10 22.21 -8.96 10.83
CA GLY A 10 21.43 -8.22 9.85
C GLY A 10 20.33 -7.47 10.52
N GLU A 11 19.57 -6.71 9.73
CA GLU A 11 18.55 -5.84 10.28
C GLU A 11 17.35 -6.62 10.86
N LEU A 12 16.97 -7.72 10.21
CA LEU A 12 15.81 -8.50 10.68
C LEU A 12 16.14 -9.10 12.04
N GLU A 13 17.35 -9.66 12.15
CA GLU A 13 17.85 -10.20 13.44
C GLU A 13 17.83 -9.17 14.56
N ARG A 14 18.33 -7.96 14.26
N ARG A 14 18.31 -7.96 14.28
CA ARG A 14 18.30 -6.86 15.23
CA ARG A 14 18.30 -6.93 15.32
C ARG A 14 16.88 -6.57 15.70
C ARG A 14 16.90 -6.49 15.71
N CYS A 15 15.97 -6.43 14.76
CA CYS A 15 14.56 -6.09 15.08
C CYS A 15 13.89 -7.19 15.88
N PHE A 16 14.12 -8.43 15.47
CA PHE A 16 13.58 -9.59 16.18
C PHE A 16 14.05 -9.66 17.63
N LEU A 17 15.33 -9.41 17.85
CA LEU A 17 15.88 -9.48 19.19
C LEU A 17 15.27 -8.36 20.08
N ALA A 18 15.07 -7.18 19.50
CA ALA A 18 14.50 -6.02 20.24
C ALA A 18 12.97 -5.86 20.17
N MSE A 19 12.28 -6.81 19.57
CA MSE A 19 10.81 -6.75 19.50
C MSE A 19 10.24 -6.85 20.93
O MSE A 19 10.64 -7.73 21.67
CB MSE A 19 10.31 -7.91 18.64
CG MSE A 19 8.81 -7.98 18.41
SE MSE A 19 8.40 -9.55 17.32
CE MSE A 19 8.99 -10.87 18.62
N PRO A 20 9.37 -5.92 21.33
CA PRO A 20 8.77 -6.03 22.66
C PRO A 20 7.95 -7.33 22.75
N GLU A 21 8.04 -8.00 23.89
CA GLU A 21 7.22 -9.19 24.13
C GLU A 21 5.71 -8.91 23.88
N SER A 22 5.23 -7.74 24.31
CA SER A 22 3.81 -7.38 24.18
C SER A 22 3.39 -7.31 22.74
N VAL A 23 4.30 -6.94 21.82
CA VAL A 23 3.98 -6.89 20.38
C VAL A 23 3.69 -8.28 19.80
N LEU A 24 4.40 -9.29 20.29
CA LEU A 24 4.15 -10.69 19.89
C LEU A 24 4.55 -11.69 21.00
N PRO A 25 3.66 -11.89 22.00
CA PRO A 25 3.88 -12.71 23.18
C PRO A 25 3.64 -14.20 22.99
N ILE A 26 4.27 -14.73 21.94
CA ILE A 26 4.28 -16.14 21.60
C ILE A 26 5.23 -16.92 22.49
N VAL A 27 6.36 -16.28 22.76
CA VAL A 27 7.35 -16.75 23.73
C VAL A 27 7.72 -15.56 24.58
N THR A 28 8.34 -15.79 25.72
CA THR A 28 8.78 -14.66 26.57
C THR A 28 9.98 -13.99 25.96
N MSE A 29 10.34 -12.81 26.46
CA MSE A 29 11.50 -12.08 25.95
C MSE A 29 12.77 -12.94 26.17
O MSE A 29 13.63 -13.08 25.29
CB MSE A 29 11.64 -10.73 26.65
CG MSE A 29 12.90 -9.96 26.32
SE MSE A 29 12.87 -9.44 24.42
CE MSE A 29 12.12 -7.67 24.58
N GLU A 30 12.84 -13.51 27.35
CA GLU A 30 13.95 -14.36 27.75
C GLU A 30 14.05 -15.65 26.92
N GLU A 31 12.93 -16.34 26.68
CA GLU A 31 12.93 -17.46 25.76
C GLU A 31 13.44 -17.05 24.35
N ARG A 32 12.92 -15.95 23.83
CA ARG A 32 13.36 -15.43 22.54
C ARG A 32 14.85 -15.11 22.48
N ASN A 33 15.34 -14.36 23.45
N ASN A 33 15.34 -14.33 23.44
CA ASN A 33 16.72 -13.96 23.41
CA ASN A 33 16.75 -13.96 23.44
C ASN A 33 17.65 -15.14 23.75
C ASN A 33 17.60 -15.21 23.64
N ASP A 34 17.16 -16.13 24.49
CA ASP A 34 17.91 -17.39 24.72
C ASP A 34 17.92 -18.28 23.43
N LEU A 35 16.79 -18.36 22.71
CA LEU A 35 16.73 -19.05 21.41
C LEU A 35 17.72 -18.49 20.39
N CYS A 36 17.71 -17.18 20.26
CA CYS A 36 18.65 -16.50 19.38
C CYS A 36 20.11 -16.72 19.80
N ARG A 37 20.39 -16.70 21.10
CA ARG A 37 21.73 -17.02 21.60
C ARG A 37 22.23 -18.40 21.19
N ARG A 38 21.37 -19.41 21.30
CA ARG A 38 21.75 -20.75 20.85
C ARG A 38 21.91 -20.82 19.32
N ALA A 39 21.13 -20.01 18.61
CA ALA A 39 21.18 -19.93 17.13
C ALA A 39 22.47 -19.26 16.65
N GLY A 40 22.94 -18.29 17.40
CA GLY A 40 24.04 -17.40 16.94
C GLY A 40 23.43 -16.52 15.87
N HIS A 41 24.27 -15.81 15.11
CA HIS A 41 23.75 -14.90 14.11
C HIS A 41 22.93 -15.63 13.03
N LEU A 42 21.85 -14.98 12.62
CA LEU A 42 21.02 -15.46 11.49
C LEU A 42 21.73 -15.26 10.16
N SER A 43 21.75 -16.31 9.35
CA SER A 43 22.48 -16.31 8.07
C SER A 43 21.58 -16.72 6.94
N GLY A 44 22.16 -17.04 5.79
CA GLY A 44 21.38 -17.56 4.67
C GLY A 44 20.92 -18.99 4.81
N PHE A 45 21.43 -19.66 5.86
CA PHE A 45 21.10 -21.04 6.19
C PHE A 45 20.06 -20.96 7.29
N THR A 46 18.83 -21.24 6.88
CA THR A 46 17.73 -21.24 7.81
C THR A 46 18.01 -22.17 9.00
N HIS A 47 17.81 -21.63 10.20
CA HIS A 47 18.02 -22.36 11.46
C HIS A 47 16.68 -22.73 12.05
N THR A 48 16.46 -24.05 12.24
CA THR A 48 15.23 -24.57 12.82
CA THR A 48 15.24 -24.59 12.84
C THR A 48 15.35 -24.82 14.33
N ALA A 49 14.34 -24.37 15.06
CA ALA A 49 14.29 -24.52 16.50
C ALA A 49 12.83 -24.71 16.94
N SER A 50 12.68 -25.34 18.08
CA SER A 50 11.35 -25.54 18.63
C SER A 50 11.42 -25.42 20.16
N LEU A 51 10.35 -24.92 20.75
CA LEU A 51 10.31 -24.62 22.17
C LEU A 51 8.91 -24.87 22.68
N GLU A 52 8.81 -25.37 23.91
N GLU A 52 8.83 -25.32 23.93
CA GLU A 52 7.54 -25.43 24.62
CA GLU A 52 7.59 -25.44 24.66
C GLU A 52 7.57 -24.21 25.51
C GLU A 52 7.57 -24.19 25.52
N SER A 53 6.77 -23.20 25.16
CA SER A 53 6.85 -21.92 25.86
C SER A 53 6.23 -22.00 27.26
N SER A 54 6.90 -21.35 28.22
CA SER A 54 6.35 -21.19 29.56
C SER A 54 5.00 -20.51 29.51
N LEU A 55 4.70 -19.87 28.39
CA LEU A 55 3.44 -19.14 28.24
C LEU A 55 2.29 -20.10 27.87
N GLY A 56 2.66 -21.32 27.48
CA GLY A 56 1.74 -22.32 27.01
C GLY A 56 2.10 -22.52 25.55
N GLY A 57 2.00 -23.74 25.07
CA GLY A 57 2.04 -23.94 23.66
C GLY A 57 3.41 -24.08 23.04
N THR A 58 3.42 -24.89 22.00
CA THR A 58 4.62 -25.23 21.32
C THR A 58 4.79 -24.24 20.20
N VAL A 59 6.03 -23.80 20.00
CA VAL A 59 6.35 -22.85 18.95
C VAL A 59 7.54 -23.40 18.18
N THR A 60 7.46 -23.43 16.84
CA THR A 60 8.61 -23.71 16.01
C THR A 60 9.06 -22.46 15.27
N PHE A 61 10.37 -22.34 15.11
CA PHE A 61 10.96 -21.19 14.45
C PHE A 61 11.81 -21.63 13.26
N LEU A 62 11.66 -20.93 12.14
CA LEU A 62 12.65 -20.91 11.08
C LEU A 62 13.27 -19.53 11.10
N LEU A 63 14.57 -19.48 11.41
CA LEU A 63 15.33 -18.24 11.57
C LEU A 63 16.33 -18.09 10.42
N ASN A 64 16.09 -17.12 9.56
CA ASN A 64 16.97 -16.81 8.44
C ASN A 64 17.26 -15.29 8.46
N ARG A 65 18.43 -14.91 7.93
N ARG A 65 18.44 -14.92 7.98
CA ARG A 65 18.83 -13.49 7.87
CA ARG A 65 18.84 -13.53 7.85
C ARG A 65 17.80 -12.61 7.18
C ARG A 65 17.74 -12.66 7.25
N ASN A 66 17.06 -13.20 6.24
CA ASN A 66 16.06 -12.48 5.47
C ASN A 66 14.60 -12.78 5.73
N PHE A 67 14.32 -13.75 6.58
CA PHE A 67 12.92 -13.99 6.99
C PHE A 67 12.88 -14.87 8.26
N ILE A 68 11.83 -14.71 9.04
CA ILE A 68 11.54 -15.56 10.18
C ILE A 68 10.10 -16.11 10.00
N ARG A 69 9.95 -17.42 10.15
CA ARG A 69 8.64 -18.07 10.02
C ARG A 69 8.43 -18.86 11.28
N ILE A 70 7.36 -18.51 11.98
CA ILE A 70 6.99 -19.11 13.23
C ILE A 70 5.63 -19.86 13.12
N GLN A 71 5.56 -21.08 13.62
CA GLN A 71 4.31 -21.79 13.72
C GLN A 71 3.93 -21.86 15.19
N THR A 72 2.69 -21.50 15.48
CA THR A 72 2.15 -21.54 16.85
C THR A 72 0.89 -22.34 16.89
N SER A 73 0.50 -22.74 18.09
CA SER A 73 -0.77 -23.43 18.30
CA SER A 73 -0.77 -23.43 18.28
C SER A 73 -1.92 -22.46 18.58
N THR A 74 -1.64 -21.17 18.67
CA THR A 74 -2.67 -20.21 19.10
C THR A 74 -3.10 -19.32 17.94
N VAL A 75 -2.15 -18.49 17.47
CA VAL A 75 -2.43 -17.49 16.44
C VAL A 75 -2.11 -17.95 15.01
N GLY A 76 -1.58 -19.16 14.87
CA GLY A 76 -1.23 -19.70 13.57
C GLY A 76 0.20 -19.33 13.19
N GLU A 77 0.41 -19.12 11.90
CA GLU A 77 1.73 -18.78 11.35
C GLU A 77 2.00 -17.28 11.41
N VAL A 78 3.21 -16.93 11.83
CA VAL A 78 3.73 -15.56 11.75
C VAL A 78 4.97 -15.57 10.88
N PHE A 79 4.93 -14.78 9.80
CA PHE A 79 6.03 -14.72 8.85
C PHE A 79 6.41 -13.24 8.77
N MSE A 80 7.68 -12.94 8.98
CA MSE A 80 8.09 -11.55 8.98
C MSE A 80 9.36 -11.35 8.22
O MSE A 80 10.25 -12.24 8.15
CB MSE A 80 8.27 -11.03 10.42
CG MSE A 80 9.42 -11.61 11.12
SE MSE A 80 9.68 -10.82 12.92
CE MSE A 80 8.13 -11.59 13.73
N ARG A 81 9.44 -10.16 7.63
CA ARG A 81 10.56 -9.77 6.76
C ARG A 81 10.72 -8.27 6.82
N ILE A 82 11.91 -7.77 6.50
CA ILE A 82 12.18 -6.37 6.22
C ILE A 82 11.88 -6.11 4.74
N LEU A 83 11.27 -4.97 4.47
CA LEU A 83 11.07 -4.46 3.11
C LEU A 83 11.65 -3.04 3.04
N PRO A 84 12.26 -2.72 1.90
CA PRO A 84 12.89 -1.41 1.81
C PRO A 84 11.88 -0.31 1.65
N PHE A 85 11.94 0.71 2.50
CA PHE A 85 11.05 1.87 2.34
C PHE A 85 11.72 2.87 1.42
N SER A 86 13.00 3.08 1.62
CA SER A 86 13.86 3.70 0.63
C SER A 86 15.06 2.80 0.42
N ASP A 87 16.11 3.33 -0.20
CA ASP A 87 17.37 2.59 -0.36
C ASP A 87 18.25 2.75 0.91
N SER A 88 17.85 3.65 1.82
CA SER A 88 18.49 3.79 3.13
C SER A 88 17.67 3.30 4.34
N SER A 89 16.37 3.06 4.19
CA SER A 89 15.54 2.76 5.37
C SER A 89 14.56 1.68 5.08
N SER A 90 13.93 1.15 6.14
CA SER A 90 13.16 -0.09 6.04
C SER A 90 11.88 -0.02 6.85
N VAL A 91 10.94 -0.92 6.52
CA VAL A 91 9.79 -1.24 7.38
C VAL A 91 9.72 -2.79 7.58
N ILE A 92 9.05 -3.19 8.65
CA ILE A 92 8.82 -4.64 8.96
C ILE A 92 7.40 -5.03 8.48
N CYS A 93 7.33 -6.12 7.72
CA CYS A 93 6.08 -6.65 7.22
C CYS A 93 5.86 -7.99 7.88
N VAL A 94 4.70 -8.17 8.52
CA VAL A 94 4.46 -9.38 9.28
C VAL A 94 3.14 -9.90 8.75
N VAL A 95 3.13 -11.16 8.36
CA VAL A 95 1.93 -11.79 7.82
C VAL A 95 1.57 -12.90 8.79
N THR A 96 0.38 -12.80 9.35
CA THR A 96 -0.07 -13.73 10.39
C THR A 96 -1.29 -14.44 9.86
N THR A 97 -1.22 -15.76 9.81
CA THR A 97 -2.20 -16.58 9.12
C THR A 97 -2.74 -17.66 10.03
N VAL A 98 -4.03 -17.57 10.35
CA VAL A 98 -4.69 -18.70 11.05
C VAL A 98 -4.87 -19.82 9.99
N LEU A 99 -4.64 -21.08 10.38
CA LEU A 99 -4.61 -22.16 9.36
C LEU A 99 -5.88 -23.01 9.42
N HIS A 100 -6.62 -22.87 10.52
CA HIS A 100 -7.86 -23.58 10.80
C HIS A 100 -8.77 -22.66 11.63
N PRO A 101 -10.09 -22.71 11.43
CA PRO A 101 -10.85 -23.58 10.52
C PRO A 101 -10.77 -23.25 9.03
N VAL A 102 -10.41 -22.01 8.67
N VAL A 102 -10.42 -22.00 8.69
CA VAL A 102 -10.13 -21.67 7.27
CA VAL A 102 -10.13 -21.62 7.31
C VAL A 102 -8.98 -20.67 7.18
C VAL A 102 -8.85 -20.79 7.33
N ALA A 103 -8.00 -20.96 6.32
CA ALA A 103 -6.77 -20.19 6.24
C ALA A 103 -7.09 -18.75 5.84
N ASP A 104 -6.59 -17.80 6.63
CA ASP A 104 -6.93 -16.38 6.50
C ASP A 104 -5.81 -15.57 7.14
N SER A 105 -5.30 -14.61 6.39
CA SER A 105 -4.12 -13.86 6.75
C SER A 105 -4.46 -12.41 7.14
N ARG A 106 -3.61 -11.84 8.01
CA ARG A 106 -3.57 -10.40 8.28
C ARG A 106 -2.15 -9.97 7.92
N ILE A 107 -2.02 -8.85 7.26
CA ILE A 107 -0.71 -8.24 6.99
C ILE A 107 -0.62 -6.98 7.88
N ASP A 108 0.40 -6.96 8.74
CA ASP A 108 0.72 -5.83 9.59
C ASP A 108 2.05 -5.21 9.11
N PHE A 109 2.17 -3.90 9.26
CA PHE A 109 3.42 -3.16 9.03
C PHE A 109 3.85 -2.42 10.25
N TYR A 110 5.18 -2.41 10.49
CA TYR A 110 5.78 -1.67 11.60
C TYR A 110 6.98 -0.89 11.12
N THR A 111 7.35 0.15 11.85
CA THR A 111 8.70 0.69 11.70
C THR A 111 9.71 -0.33 12.25
N THR A 112 11.00 -0.13 11.97
CA THR A 112 12.03 -1.03 12.51
C THR A 112 12.16 -0.94 14.05
N GLU A 113 11.54 0.08 14.64
CA GLU A 113 11.47 0.26 16.09
C GLU A 113 10.14 -0.19 16.69
N TRP A 114 9.38 -0.96 15.91
CA TRP A 114 8.11 -1.62 16.29
C TRP A 114 6.93 -0.68 16.52
N LYS A 115 6.97 0.47 15.85
CA LYS A 115 5.85 1.41 15.87
C LYS A 115 4.90 0.92 14.81
N PRO A 116 3.63 0.66 15.17
CA PRO A 116 2.66 0.19 14.17
C PRO A 116 2.29 1.23 13.12
N LEU A 117 2.21 0.78 11.88
CA LEU A 117 1.87 1.64 10.78
C LEU A 117 0.51 1.23 10.27
N LYS A 118 -0.16 2.15 9.58
N LYS A 118 -0.16 2.14 9.58
CA LYS A 118 -1.47 1.84 9.02
CA LYS A 118 -1.47 1.85 9.02
C LYS A 118 -1.19 1.00 7.76
C LYS A 118 -1.28 1.05 7.73
N THR A 119 -1.76 -0.20 7.74
CA THR A 119 -1.63 -1.10 6.60
C THR A 119 -2.11 -0.52 5.24
N ASP A 120 -3.16 0.32 5.20
CA ASP A 120 -3.79 0.76 3.90
C ASP A 120 -2.76 1.44 3.02
N ARG A 121 -1.76 2.02 3.65
CA ARG A 121 -0.78 2.78 2.93
C ARG A 121 0.05 1.88 1.99
N PHE A 122 0.29 0.65 2.45
CA PHE A 122 1.17 -0.29 1.79
C PHE A 122 0.45 -1.42 1.07
N TRP A 123 -0.77 -1.67 1.44
CA TRP A 123 -1.49 -2.84 0.96
C TRP A 123 -2.99 -2.60 0.94
N GLN A 124 -3.61 -2.90 -0.19
CA GLN A 124 -5.06 -2.86 -0.32
C GLN A 124 -5.57 -4.28 -0.53
N GLN A 125 -6.38 -4.79 0.38
CA GLN A 125 -6.90 -6.17 0.26
C GLN A 125 -7.75 -6.28 -1.02
N PRO A 126 -7.47 -7.27 -1.87
CA PRO A 126 -8.34 -7.43 -3.04
C PRO A 126 -9.77 -7.80 -2.66
N ARG A 127 -10.71 -7.46 -3.54
CA ARG A 127 -12.11 -7.88 -3.44
C ARG A 127 -12.22 -9.30 -3.96
N ILE A 128 -13.26 -10.00 -3.56
CA ILE A 128 -13.41 -11.37 -4.03
C ILE A 128 -13.55 -11.39 -5.56
N GLU A 129 -14.05 -10.30 -6.17
CA GLU A 129 -14.28 -10.30 -7.62
C GLU A 129 -12.98 -10.36 -8.40
N ASP A 130 -11.89 -9.93 -7.75
CA ASP A 130 -10.55 -10.06 -8.33
C ASP A 130 -10.13 -11.50 -8.63
N PHE A 131 -10.87 -12.46 -8.07
CA PHE A 131 -10.54 -13.88 -8.21
C PHE A 131 -11.53 -14.54 -9.18
N PHE A 132 -12.32 -13.71 -9.86
CA PHE A 132 -13.29 -14.26 -10.81
C PHE A 132 -12.63 -14.61 -12.14
N LEU A 133 -13.12 -15.69 -12.75
CA LEU A 133 -12.74 -16.09 -14.11
C LEU A 133 -13.26 -15.11 -15.14
N PRO A 134 -12.69 -15.14 -16.35
CA PRO A 134 -13.23 -14.28 -17.41
C PRO A 134 -14.71 -14.48 -17.66
N HIS A 135 -15.38 -13.40 -18.08
CA HIS A 135 -16.78 -13.43 -18.56
C HIS A 135 -17.77 -13.71 -17.48
N THR A 136 -17.39 -13.51 -16.21
CA THR A 136 -18.33 -13.81 -15.14
C THR A 136 -19.61 -13.01 -15.25
N ASP A 137 -20.75 -13.71 -15.23
CA ASP A 137 -22.08 -13.08 -15.29
C ASP A 137 -22.67 -13.00 -13.88
N ARG A 138 -22.76 -11.78 -13.35
CA ARG A 138 -23.34 -11.56 -12.03
C ARG A 138 -24.84 -11.76 -11.95
N GLN A 139 -25.51 -12.05 -13.06
CA GLN A 139 -26.94 -12.46 -12.99
C GLN A 139 -27.14 -13.93 -13.32
N SER A 140 -26.05 -14.68 -13.41
CA SER A 140 -26.14 -16.13 -13.69
C SER A 140 -26.68 -16.89 -12.49
N TYR A 141 -27.36 -18.00 -12.78
CA TYR A 141 -27.84 -18.87 -11.74
C TYR A 141 -26.71 -19.25 -10.80
N ALA A 142 -25.58 -19.64 -11.39
CA ALA A 142 -24.43 -20.06 -10.55
C ALA A 142 -23.97 -18.96 -9.59
N TYR A 143 -23.81 -17.74 -10.09
CA TYR A 143 -23.40 -16.65 -9.25
C TYR A 143 -24.40 -16.32 -8.16
N GLN A 144 -25.69 -16.20 -8.52
CA GLN A 144 -26.74 -15.88 -7.56
C GLN A 144 -26.90 -16.95 -6.47
N ALA A 145 -26.69 -18.21 -6.82
CA ALA A 145 -26.77 -19.30 -5.87
C ALA A 145 -25.60 -19.29 -4.87
N ILE A 146 -24.40 -18.89 -5.32
CA ILE A 146 -23.18 -18.93 -4.47
C ILE A 146 -22.92 -17.58 -3.77
N TYR A 147 -23.53 -16.50 -4.26
CA TYR A 147 -23.22 -15.13 -3.86
C TYR A 147 -23.06 -14.98 -2.34
N ALA A 148 -24.06 -15.41 -1.60
CA ALA A 148 -24.04 -15.24 -0.13
C ALA A 148 -22.93 -16.08 0.54
N SER A 149 -22.40 -17.09 -0.15
CA SER A 149 -21.31 -17.88 0.39
C SER A 149 -19.91 -17.29 0.10
N LEU A 150 -19.87 -16.20 -0.68
CA LEU A 150 -18.62 -15.58 -1.11
C LEU A 150 -18.02 -14.71 -0.01
N THR A 151 -18.82 -14.40 1.02
N THR A 151 -18.85 -14.29 0.96
CA THR A 151 -18.41 -13.56 2.15
CA THR A 151 -18.40 -13.57 2.17
C THR A 151 -18.78 -14.32 3.44
C THR A 151 -18.69 -14.47 3.37
N PRO A 152 -17.85 -14.45 4.41
CA PRO A 152 -16.53 -13.81 4.54
C PRO A 152 -15.55 -14.28 3.49
N SER A 153 -14.82 -13.33 2.91
CA SER A 153 -13.96 -13.64 1.80
C SER A 153 -12.55 -13.97 2.32
N TYR A 154 -12.43 -15.17 2.90
CA TYR A 154 -11.14 -15.62 3.44
C TYR A 154 -10.10 -15.64 2.35
N MSE A 155 -8.91 -15.15 2.69
CA MSE A 155 -7.78 -15.17 1.78
C MSE A 155 -6.48 -15.45 2.55
O MSE A 155 -6.25 -14.92 3.65
CB MSE A 155 -7.64 -13.85 0.98
CG MSE A 155 -8.86 -13.50 0.12
SE MSE A 155 -8.81 -11.64 -0.44
CE MSE A 155 -10.70 -11.43 -1.05
N GLN A 156 -5.66 -16.30 1.97
CA GLN A 156 -4.38 -16.67 2.55
C GLN A 156 -3.24 -16.01 1.75
N VAL A 157 -2.39 -15.28 2.46
CA VAL A 157 -1.25 -14.65 1.88
C VAL A 157 0.06 -15.42 2.15
N SER A 158 0.91 -15.45 1.13
CA SER A 158 2.31 -15.94 1.25
C SER A 158 3.29 -14.87 0.74
N LEU A 159 4.01 -14.26 1.66
CA LEU A 159 5.12 -13.35 1.26
C LEU A 159 6.31 -14.21 0.86
N SER A 160 6.93 -13.88 -0.28
CA SER A 160 8.16 -14.55 -0.69
C SER A 160 9.28 -14.45 0.35
N GLU A 161 10.08 -15.51 0.41
CA GLU A 161 11.27 -15.54 1.24
C GLU A 161 12.42 -14.78 0.60
N GLU A 162 12.40 -14.62 -0.71
CA GLU A 162 13.59 -14.22 -1.45
C GLU A 162 13.44 -13.00 -2.35
N SER A 163 12.22 -12.61 -2.70
CA SER A 163 11.98 -11.38 -3.44
CA SER A 163 11.96 -11.41 -3.46
C SER A 163 10.94 -10.57 -2.71
N ASP A 164 10.79 -9.30 -3.12
CA ASP A 164 9.81 -8.42 -2.49
C ASP A 164 8.46 -8.57 -3.27
N THR A 165 7.90 -9.76 -3.13
CA THR A 165 6.66 -10.12 -3.79
C THR A 165 5.86 -10.98 -2.83
N LEU A 166 4.55 -11.03 -3.06
CA LEU A 166 3.61 -11.87 -2.29
C LEU A 166 2.55 -12.37 -3.22
N SER A 167 1.95 -13.50 -2.84
CA SER A 167 0.86 -14.12 -3.55
C SER A 167 -0.31 -14.27 -2.56
N ILE A 168 -1.52 -14.07 -3.04
CA ILE A 168 -2.71 -14.20 -2.19
C ILE A 168 -3.73 -15.05 -2.90
N ARG A 169 -4.29 -16.01 -2.17
CA ARG A 169 -5.23 -16.99 -2.71
C ARG A 169 -6.51 -16.86 -1.90
N GLN A 170 -7.65 -16.83 -2.59
CA GLN A 170 -8.91 -16.96 -1.91
C GLN A 170 -9.07 -18.37 -1.37
N THR A 171 -9.57 -18.47 -0.15
CA THR A 171 -9.81 -19.77 0.45
C THR A 171 -11.30 -19.97 0.69
N VAL A 172 -12.14 -19.23 -0.04
CA VAL A 172 -13.60 -19.43 -0.02
C VAL A 172 -14.01 -20.79 -0.66
N THR A 173 -13.42 -21.12 -1.79
CA THR A 173 -13.82 -22.31 -2.50
C THR A 173 -13.82 -23.55 -1.61
N GLU A 174 -12.79 -23.72 -0.77
CA GLU A 174 -12.77 -24.88 0.14
C GLU A 174 -13.88 -24.88 1.20
N THR A 175 -14.46 -23.71 1.48
CA THR A 175 -15.58 -23.59 2.44
C THR A 175 -16.94 -24.06 1.87
N LEU A 176 -17.07 -24.14 0.55
CA LEU A 176 -18.34 -24.40 -0.09
C LEU A 176 -18.72 -25.88 0.04
N ALA A 177 -20.02 -26.15 0.14
CA ALA A 177 -20.52 -27.51 0.12
C ALA A 177 -20.16 -28.21 -1.20
N GLU A 178 -20.08 -29.54 -1.16
CA GLU A 178 -19.71 -30.29 -2.37
C GLU A 178 -20.65 -30.03 -3.55
N GLU A 179 -21.94 -29.83 -3.28
CA GLU A 179 -22.94 -29.53 -4.32
C GLU A 179 -22.88 -28.07 -4.83
N GLU A 180 -22.10 -27.23 -4.15
CA GLU A 180 -21.94 -25.83 -4.58
C GLU A 180 -20.71 -25.65 -5.44
N LYS A 181 -19.72 -26.50 -5.26
CA LYS A 181 -18.46 -26.29 -5.94
C LYS A 181 -18.61 -26.27 -7.46
N PRO A 182 -19.42 -27.14 -8.03
CA PRO A 182 -19.60 -27.04 -9.51
C PRO A 182 -20.22 -25.71 -10.02
N LEU A 183 -21.00 -25.01 -9.19
CA LEU A 183 -21.59 -23.74 -9.60
C LEU A 183 -20.50 -22.70 -9.52
N ALA A 184 -19.83 -22.65 -8.38
CA ALA A 184 -18.73 -21.72 -8.21
C ALA A 184 -17.62 -21.86 -9.24
N ALA A 185 -17.41 -23.07 -9.75
CA ALA A 185 -16.26 -23.31 -10.64
C ALA A 185 -16.34 -22.51 -11.95
N ILE A 186 -17.54 -22.11 -12.36
CA ILE A 186 -17.71 -21.36 -13.61
C ILE A 186 -17.23 -19.94 -13.51
N PHE A 187 -17.06 -19.43 -12.27
CA PHE A 187 -16.67 -18.05 -12.09
C PHE A 187 -15.59 -17.76 -11.02
N LEU A 188 -15.43 -18.62 -10.02
CA LEU A 188 -14.48 -18.39 -8.95
C LEU A 188 -13.20 -19.20 -9.11
N SER A 189 -12.09 -18.50 -9.33
CA SER A 189 -10.85 -19.16 -9.72
C SER A 189 -9.98 -19.37 -8.51
N PRO A 190 -9.30 -20.50 -8.44
CA PRO A 190 -8.36 -20.79 -7.37
C PRO A 190 -6.99 -20.19 -7.62
N GLU A 191 -6.76 -19.60 -8.78
CA GLU A 191 -5.43 -19.05 -9.08
C GLU A 191 -5.05 -17.88 -8.13
N PRO A 192 -3.88 -17.95 -7.52
CA PRO A 192 -3.48 -16.83 -6.64
C PRO A 192 -3.16 -15.59 -7.39
N LEU A 193 -3.34 -14.43 -6.76
CA LEU A 193 -2.96 -13.13 -7.34
C LEU A 193 -1.59 -12.71 -6.81
N VAL A 194 -0.74 -12.19 -7.66
CA VAL A 194 0.61 -11.77 -7.28
C VAL A 194 0.76 -10.23 -7.26
N TYR A 195 1.50 -9.77 -6.23
CA TYR A 195 1.81 -8.37 -5.97
C TYR A 195 3.33 -8.24 -5.76
N ARG A 196 3.84 -7.09 -6.15
CA ARG A 196 5.25 -6.79 -6.07
C ARG A 196 5.39 -5.49 -5.28
N TRP A 197 6.35 -5.46 -4.39
CA TRP A 197 6.68 -4.26 -3.62
C TRP A 197 7.46 -3.30 -4.51
N GLN A 198 6.88 -2.13 -4.71
CA GLN A 198 7.41 -1.18 -5.64
C GLN A 198 7.19 0.16 -4.98
N SER A 199 8.29 0.84 -4.67
CA SER A 199 8.28 2.16 -4.07
C SER A 199 7.32 2.25 -2.88
N GLY A 200 7.59 1.38 -1.91
CA GLY A 200 6.96 1.46 -0.60
C GLY A 200 5.51 1.00 -0.56
N ARG A 201 5.09 0.16 -1.51
CA ARG A 201 3.73 -0.43 -1.48
C ARG A 201 3.58 -1.65 -2.39
N PHE A 202 2.60 -2.50 -2.08
CA PHE A 202 2.35 -3.67 -2.90
C PHE A 202 1.42 -3.32 -4.08
N VAL A 203 1.85 -3.72 -5.29
CA VAL A 203 1.18 -3.39 -6.53
C VAL A 203 0.88 -4.68 -7.26
N ARG A 204 -0.36 -4.82 -7.70
CA ARG A 204 -0.78 -6.01 -8.41
C ARG A 204 0.07 -6.18 -9.68
N GLN A 205 0.63 -7.38 -9.85
CA GLN A 205 1.28 -7.79 -11.10
C GLN A 205 0.31 -8.56 -12.01
N VAL B 8 -18.82 17.51 -28.63
CA VAL B 8 -18.15 18.66 -27.96
C VAL B 8 -17.37 18.20 -26.71
N ALA B 9 -17.62 16.99 -26.20
CA ALA B 9 -16.92 16.49 -25.00
C ALA B 9 -15.43 16.32 -25.26
N GLY B 10 -14.60 16.84 -24.37
CA GLY B 10 -13.15 16.66 -24.46
C GLY B 10 -12.68 15.28 -24.03
N GLU B 11 -11.38 15.02 -24.14
CA GLU B 11 -10.84 13.68 -23.84
C GLU B 11 -11.04 13.25 -22.37
N LEU B 12 -10.85 14.19 -21.45
CA LEU B 12 -10.94 13.86 -20.02
C LEU B 12 -12.40 13.51 -19.63
N GLU B 13 -13.34 14.30 -20.10
CA GLU B 13 -14.76 13.99 -19.93
C GLU B 13 -15.13 12.57 -20.41
N ARG B 14 -14.71 12.21 -21.62
CA ARG B 14 -15.05 10.89 -22.17
C ARG B 14 -14.39 9.80 -21.31
N CYS B 15 -13.17 10.08 -20.88
CA CYS B 15 -12.44 9.16 -19.99
C CYS B 15 -13.13 8.99 -18.64
N PHE B 16 -13.53 10.10 -18.03
CA PHE B 16 -14.26 10.05 -16.79
C PHE B 16 -15.54 9.22 -16.89
N LEU B 17 -16.34 9.44 -17.95
CA LEU B 17 -17.56 8.68 -18.13
C LEU B 17 -17.30 7.18 -18.32
N ALA B 18 -16.15 6.84 -18.91
CA ALA B 18 -15.73 5.47 -19.14
C ALA B 18 -14.95 4.83 -17.98
N MSE B 19 -14.76 5.57 -16.88
CA MSE B 19 -13.85 5.12 -15.84
C MSE B 19 -14.47 4.01 -15.03
O MSE B 19 -15.62 4.10 -14.61
CB MSE B 19 -13.45 6.30 -14.95
CG MSE B 19 -12.51 5.97 -13.79
SE MSE B 19 -12.14 7.58 -12.80
CE MSE B 19 -13.99 7.92 -12.19
N PRO B 20 -13.72 2.92 -14.84
CA PRO B 20 -14.22 1.86 -14.00
C PRO B 20 -14.46 2.28 -12.56
N GLU B 21 -15.50 1.72 -11.97
CA GLU B 21 -15.86 2.10 -10.60
C GLU B 21 -14.66 1.94 -9.64
N SER B 22 -13.83 0.93 -9.90
CA SER B 22 -12.70 0.57 -9.02
C SER B 22 -11.63 1.64 -8.90
N VAL B 23 -11.66 2.62 -9.82
CA VAL B 23 -10.74 3.73 -9.77
C VAL B 23 -11.30 4.81 -8.82
N LEU B 24 -12.62 4.77 -8.60
CA LEU B 24 -13.25 5.69 -7.69
C LEU B 24 -14.46 5.01 -7.02
N PRO B 25 -14.20 4.02 -6.15
CA PRO B 25 -15.27 3.17 -5.63
C PRO B 25 -16.19 3.82 -4.58
N ILE B 26 -15.89 5.05 -4.13
CA ILE B 26 -16.76 5.80 -3.22
C ILE B 26 -18.18 6.05 -3.83
N VAL B 27 -18.25 6.11 -5.16
CA VAL B 27 -19.50 6.26 -5.90
C VAL B 27 -19.63 5.22 -7.04
N THR B 28 -20.87 4.85 -7.36
CA THR B 28 -21.17 3.96 -8.49
C THR B 28 -21.02 4.70 -9.82
N MSE B 29 -20.74 3.97 -10.89
CA MSE B 29 -20.66 4.59 -12.22
C MSE B 29 -21.93 5.39 -12.50
O MSE B 29 -21.88 6.50 -13.03
CB MSE B 29 -20.49 3.57 -13.34
CG MSE B 29 -19.07 3.10 -13.54
SE MSE B 29 -18.94 2.00 -15.12
CE MSE B 29 -19.12 3.45 -16.42
N GLU B 30 -23.08 4.80 -12.17
CA GLU B 30 -24.35 5.43 -12.45
C GLU B 30 -24.47 6.79 -11.75
N GLU B 31 -24.33 6.81 -10.43
CA GLU B 31 -24.48 8.10 -9.76
C GLU B 31 -23.38 9.08 -10.14
N ARG B 32 -22.16 8.57 -10.34
CA ARG B 32 -21.04 9.42 -10.72
C ARG B 32 -21.30 10.05 -12.08
N ASN B 33 -21.68 9.20 -13.01
CA ASN B 33 -21.92 9.68 -14.37
C ASN B 33 -23.16 10.56 -14.53
N ASP B 34 -24.23 10.22 -13.80
CA ASP B 34 -25.40 11.09 -13.72
C ASP B 34 -25.03 12.50 -13.28
N LEU B 35 -24.20 12.60 -12.25
CA LEU B 35 -23.67 13.87 -11.77
C LEU B 35 -22.90 14.58 -12.89
N CYS B 36 -21.99 13.85 -13.54
CA CYS B 36 -21.23 14.41 -14.68
C CYS B 36 -22.14 14.93 -15.77
N ARG B 37 -23.15 14.16 -16.14
CA ARG B 37 -24.06 14.58 -17.22
C ARG B 37 -25.00 15.75 -16.83
N ARG B 38 -25.31 15.92 -15.55
CA ARG B 38 -26.06 17.12 -15.13
C ARG B 38 -25.27 18.41 -15.35
N ALA B 39 -23.94 18.29 -15.44
CA ALA B 39 -23.02 19.39 -15.74
C ALA B 39 -23.09 19.78 -17.20
N GLY B 40 -23.52 18.87 -18.05
CA GLY B 40 -23.39 19.09 -19.49
C GLY B 40 -21.91 18.97 -19.80
N HIS B 41 -21.50 19.42 -20.98
CA HIS B 41 -20.09 19.21 -21.36
C HIS B 41 -19.11 20.02 -20.43
N LEU B 42 -17.98 19.40 -20.10
CA LEU B 42 -16.96 20.06 -19.27
C LEU B 42 -16.23 21.13 -20.07
N SER B 43 -16.00 22.27 -19.42
CA SER B 43 -15.38 23.42 -20.07
C SER B 43 -14.21 23.95 -19.23
N GLY B 44 -13.72 25.11 -19.60
CA GLY B 44 -12.67 25.74 -18.86
C GLY B 44 -13.16 26.39 -17.59
N PHE B 45 -14.46 26.35 -17.34
CA PHE B 45 -15.05 26.91 -16.16
C PHE B 45 -15.43 25.69 -15.32
N THR B 46 -14.75 25.55 -14.18
CA THR B 46 -14.90 24.39 -13.29
C THR B 46 -16.34 24.37 -12.79
N HIS B 47 -16.95 23.20 -12.88
CA HIS B 47 -18.30 23.02 -12.39
C HIS B 47 -18.24 22.31 -11.08
N THR B 48 -18.91 22.89 -10.08
CA THR B 48 -18.97 22.28 -8.74
C THR B 48 -20.34 21.61 -8.47
N ALA B 49 -20.28 20.36 -8.02
CA ALA B 49 -21.45 19.57 -7.69
C ALA B 49 -21.07 18.63 -6.55
N SER B 50 -22.07 18.22 -5.78
CA SER B 50 -21.83 17.32 -4.64
C SER B 50 -22.95 16.31 -4.51
N LEU B 51 -22.63 15.15 -3.99
CA LEU B 51 -23.63 14.16 -3.71
C LEU B 51 -23.29 13.53 -2.35
N GLU B 52 -24.26 12.84 -1.77
CA GLU B 52 -24.01 12.05 -0.59
C GLU B 52 -23.79 10.62 -1.05
N SER B 53 -22.64 10.05 -0.70
CA SER B 53 -22.33 8.65 -0.98
C SER B 53 -23.08 7.74 0.01
N SER B 54 -23.05 6.43 -0.20
CA SER B 54 -23.77 5.51 0.68
C SER B 54 -23.06 5.24 2.02
N GLY B 57 -20.08 9.65 3.21
CA GLY B 57 -20.48 11.05 3.40
C GLY B 57 -20.46 11.88 2.12
N THR B 58 -20.19 13.18 2.25
CA THR B 58 -20.33 14.12 1.13
C THR B 58 -19.16 13.97 0.17
N VAL B 59 -19.45 13.96 -1.11
CA VAL B 59 -18.38 13.89 -2.09
C VAL B 59 -18.55 15.08 -3.04
N THR B 60 -17.51 15.89 -3.17
CA THR B 60 -17.59 17.10 -3.96
C THR B 60 -16.76 16.89 -5.22
N PHE B 61 -17.35 17.26 -6.36
CA PHE B 61 -16.78 17.07 -7.71
C PHE B 61 -16.53 18.46 -8.29
N LEU B 62 -15.28 18.67 -8.72
CA LEU B 62 -14.90 19.86 -9.44
C LEU B 62 -14.58 19.36 -10.86
N LEU B 63 -15.45 19.72 -11.78
CA LEU B 63 -15.39 19.15 -13.11
C LEU B 63 -14.95 20.20 -14.10
N ASN B 64 -13.79 19.97 -14.69
CA ASN B 64 -13.16 20.90 -15.66
C ASN B 64 -12.64 20.08 -16.87
N ARG B 65 -12.72 20.70 -18.04
CA ARG B 65 -12.21 20.12 -19.28
C ARG B 65 -10.82 19.50 -19.16
N ASN B 66 -9.95 20.14 -18.39
CA ASN B 66 -8.55 19.78 -18.32
C ASN B 66 -8.13 19.04 -17.06
N PHE B 67 -9.03 19.00 -16.07
CA PHE B 67 -8.76 18.31 -14.79
C PHE B 67 -10.07 18.05 -14.04
N ILE B 68 -10.06 16.97 -13.28
CA ILE B 68 -11.17 16.62 -12.37
C ILE B 68 -10.60 16.42 -10.94
N ARG B 69 -11.21 17.05 -9.95
CA ARG B 69 -10.89 16.89 -8.54
C ARG B 69 -12.11 16.38 -7.82
N ILE B 70 -11.93 15.29 -7.07
CA ILE B 70 -12.98 14.68 -6.23
C ILE B 70 -12.55 14.68 -4.78
N GLN B 71 -13.34 15.35 -3.96
CA GLN B 71 -13.01 15.55 -2.56
C GLN B 71 -14.01 14.78 -1.74
N THR B 72 -13.49 13.84 -0.97
CA THR B 72 -14.32 12.97 -0.15
C THR B 72 -14.17 13.49 1.27
N SER B 73 -15.25 14.08 1.79
CA SER B 73 -15.32 14.64 3.14
C SER B 73 -14.15 15.58 3.46
N THR B 74 -13.56 15.38 4.64
CA THR B 74 -12.29 16.00 4.98
C THR B 74 -11.17 14.96 4.77
N VAL B 75 -11.55 13.82 4.18
CA VAL B 75 -10.84 12.55 4.33
C VAL B 75 -9.75 12.40 3.28
N GLY B 76 -10.06 12.82 2.07
CA GLY B 76 -9.03 12.90 1.05
C GLY B 76 -9.53 13.48 -0.23
N GLU B 77 -8.66 13.41 -1.23
CA GLU B 77 -8.96 13.88 -2.57
C GLU B 77 -8.35 12.98 -3.62
N VAL B 78 -8.99 12.97 -4.77
CA VAL B 78 -8.45 12.39 -6.02
C VAL B 78 -8.42 13.50 -7.06
N PHE B 79 -7.27 13.64 -7.71
CA PHE B 79 -7.06 14.63 -8.78
C PHE B 79 -6.59 13.87 -9.99
N MSE B 80 -7.20 14.15 -11.15
CA MSE B 80 -6.77 13.48 -12.39
C MSE B 80 -6.72 14.37 -13.57
O MSE B 80 -7.50 15.34 -13.68
CB MSE B 80 -7.68 12.29 -12.69
CG MSE B 80 -9.08 12.69 -13.10
SE MSE B 80 -10.31 11.17 -13.16
CE MSE B 80 -10.42 10.75 -11.31
N ARG B 81 -5.75 14.10 -14.44
CA ARG B 81 -5.72 14.77 -15.75
C ARG B 81 -5.00 13.86 -16.74
N ILE B 82 -5.13 14.21 -18.02
CA ILE B 82 -4.47 13.46 -19.10
C ILE B 82 -3.15 14.18 -19.43
N LEU B 83 -2.09 13.41 -19.60
CA LEU B 83 -0.76 13.97 -19.90
C LEU B 83 -0.26 13.37 -21.21
N PRO B 84 0.41 14.19 -22.01
CA PRO B 84 0.80 13.77 -23.32
C PRO B 84 1.89 12.74 -23.21
N PHE B 85 1.85 11.77 -24.08
CA PHE B 85 2.90 10.78 -24.04
C PHE B 85 3.57 10.78 -25.44
N SER B 86 3.03 10.01 -26.34
CA SER B 86 3.47 10.00 -27.71
C SER B 86 2.42 10.71 -28.57
N ASP B 87 2.67 10.78 -29.87
CA ASP B 87 1.70 11.36 -30.79
C ASP B 87 0.41 10.57 -30.81
N SER B 88 0.47 9.27 -30.58
CA SER B 88 -0.71 8.43 -30.70
C SER B 88 -1.42 8.23 -29.38
N SER B 89 -0.69 8.45 -28.28
CA SER B 89 -1.13 7.97 -26.98
C SER B 89 -0.85 8.93 -25.87
N SER B 90 -1.86 9.16 -25.03
CA SER B 90 -1.69 9.90 -23.81
C SER B 90 -1.90 8.97 -22.59
N VAL B 91 -1.57 9.45 -21.42
CA VAL B 91 -1.78 8.70 -20.20
C VAL B 91 -2.64 9.51 -19.23
N ILE B 92 -3.33 8.81 -18.36
CA ILE B 92 -4.08 9.42 -17.28
C ILE B 92 -3.28 9.28 -15.99
N CYS B 93 -3.11 10.40 -15.32
CA CYS B 93 -2.37 10.47 -14.09
C CYS B 93 -3.39 10.76 -13.02
N VAL B 94 -3.47 9.86 -12.07
CA VAL B 94 -4.35 10.04 -10.91
C VAL B 94 -3.58 10.16 -9.61
N VAL B 95 -3.80 11.27 -8.90
CA VAL B 95 -3.09 11.54 -7.65
C VAL B 95 -4.13 11.43 -6.53
N THR B 96 -3.91 10.49 -5.61
CA THR B 96 -4.79 10.26 -4.46
C THR B 96 -4.11 10.71 -3.18
N THR B 97 -4.77 11.62 -2.47
CA THR B 97 -4.22 12.14 -1.26
C THR B 97 -5.13 11.86 -0.07
N VAL B 98 -4.55 11.32 1.00
N VAL B 98 -4.56 11.29 0.99
CA VAL B 98 -5.26 11.17 2.28
CA VAL B 98 -5.24 11.21 2.25
C VAL B 98 -4.76 12.28 3.21
C VAL B 98 -4.84 12.47 2.97
N LEU B 99 -5.70 12.97 3.85
CA LEU B 99 -5.44 14.28 4.44
C LEU B 99 -5.11 14.22 5.93
N HIS B 100 -5.56 13.17 6.62
CA HIS B 100 -5.36 13.04 8.04
C HIS B 100 -4.96 11.63 8.40
N PRO B 101 -4.10 11.48 9.42
CA PRO B 101 -3.54 12.48 10.30
C PRO B 101 -2.55 13.45 9.67
N VAL B 102 -1.93 13.00 8.59
N VAL B 102 -1.87 13.03 8.61
CA VAL B 102 -0.95 13.79 7.83
CA VAL B 102 -1.03 13.94 7.83
C VAL B 102 -1.25 13.62 6.32
C VAL B 102 -1.20 13.64 6.35
N ALA B 103 -1.12 14.70 5.53
CA ALA B 103 -1.34 14.61 4.06
C ALA B 103 -0.32 13.70 3.38
N ASP B 104 -0.78 12.67 2.67
CA ASP B 104 0.13 11.77 1.97
C ASP B 104 -0.46 11.35 0.63
N SER B 105 0.38 11.37 -0.41
CA SER B 105 -0.11 11.17 -1.78
C SER B 105 0.47 9.95 -2.45
N ARG B 106 -0.34 9.35 -3.31
CA ARG B 106 0.19 8.38 -4.25
C ARG B 106 -0.19 8.78 -5.65
N ILE B 107 0.63 8.40 -6.63
CA ILE B 107 0.37 8.71 -8.04
C ILE B 107 0.30 7.40 -8.78
N ASP B 108 -0.81 7.21 -9.49
CA ASP B 108 -1.06 6.08 -10.34
C ASP B 108 -1.22 6.61 -11.76
N PHE B 109 -0.88 5.76 -12.73
CA PHE B 109 -1.01 6.04 -14.16
C PHE B 109 -1.83 4.95 -14.85
N TYR B 110 -2.66 5.36 -15.79
CA TYR B 110 -3.43 4.43 -16.62
C TYR B 110 -3.31 4.80 -18.07
N THR B 111 -3.62 3.87 -18.96
CA THR B 111 -3.89 4.24 -20.36
C THR B 111 -5.19 5.09 -20.40
N THR B 112 -5.49 5.72 -21.53
CA THR B 112 -6.75 6.48 -21.63
C THR B 112 -7.97 5.56 -21.68
N GLU B 113 -7.68 4.27 -21.83
CA GLU B 113 -8.62 3.14 -21.69
C GLU B 113 -8.62 2.44 -20.30
N TRP B 114 -8.04 3.11 -19.33
CA TRP B 114 -8.04 2.69 -17.92
C TRP B 114 -7.28 1.39 -17.62
N LYS B 115 -6.32 1.04 -18.45
CA LYS B 115 -5.51 -0.14 -18.12
C LYS B 115 -4.39 0.39 -17.24
N PRO B 116 -4.15 -0.23 -16.08
CA PRO B 116 -3.07 0.30 -15.24
C PRO B 116 -1.69 0.15 -15.91
N LEU B 117 -0.86 1.16 -15.68
CA LEU B 117 0.52 1.18 -16.22
C LEU B 117 1.50 1.19 -15.06
N LYS B 118 2.71 0.71 -15.30
CA LYS B 118 3.77 0.76 -14.26
C LYS B 118 4.13 2.22 -13.91
N THR B 119 3.91 2.60 -12.65
CA THR B 119 4.17 3.93 -12.15
C THR B 119 5.60 4.42 -12.46
N ASP B 120 6.60 3.55 -12.29
CA ASP B 120 7.99 3.97 -12.48
C ASP B 120 8.44 4.18 -13.93
N ARG B 121 7.56 3.90 -14.89
CA ARG B 121 7.77 4.38 -16.23
C ARG B 121 7.76 5.89 -16.26
N PHE B 122 7.02 6.49 -15.31
CA PHE B 122 6.70 7.90 -15.34
C PHE B 122 7.19 8.68 -14.14
N TRP B 123 7.25 8.05 -12.97
CA TRP B 123 7.40 8.72 -11.69
C TRP B 123 8.28 7.95 -10.76
N GLN B 124 9.29 8.63 -10.23
N GLN B 124 9.37 8.57 -10.31
CA GLN B 124 10.28 8.06 -9.32
CA GLN B 124 10.25 8.01 -9.29
C GLN B 124 10.06 8.77 -7.99
C GLN B 124 9.95 8.78 -8.03
N GLN B 125 9.47 8.10 -7.00
CA GLN B 125 9.11 8.75 -5.71
C GLN B 125 10.39 9.31 -5.03
N PRO B 126 10.46 10.62 -4.73
CA PRO B 126 11.67 11.10 -4.06
C PRO B 126 11.92 10.47 -2.69
N ARG B 127 13.20 10.41 -2.30
N ARG B 127 13.18 10.35 -2.27
CA ARG B 127 13.66 10.09 -0.94
CA ARG B 127 13.51 9.89 -0.90
C ARG B 127 13.39 11.22 0.01
C ARG B 127 13.53 11.12 0.02
N ILE B 128 13.29 10.93 1.32
CA ILE B 128 13.21 12.05 2.28
C ILE B 128 14.52 12.89 2.20
N GLU B 129 15.63 12.23 1.91
CA GLU B 129 16.94 12.84 1.73
C GLU B 129 16.95 13.97 0.71
N ASP B 130 16.10 13.83 -0.32
CA ASP B 130 15.90 14.86 -1.35
C ASP B 130 15.39 16.19 -0.77
N PHE B 131 14.86 16.16 0.45
CA PHE B 131 14.42 17.37 1.15
C PHE B 131 15.39 17.94 2.19
N PHE B 132 16.59 17.38 2.24
CA PHE B 132 17.60 17.84 3.21
C PHE B 132 18.30 19.08 2.69
N LEU B 133 18.71 19.93 3.62
CA LEU B 133 19.47 21.12 3.28
C LEU B 133 20.84 20.67 2.80
N PRO B 134 21.52 21.52 2.04
CA PRO B 134 22.93 21.29 1.67
C PRO B 134 23.79 20.98 2.88
N HIS B 135 24.73 20.05 2.73
CA HIS B 135 25.69 19.70 3.78
C HIS B 135 25.01 19.30 5.06
N THR B 136 24.11 18.34 4.96
CA THR B 136 23.42 17.84 6.11
C THR B 136 24.43 16.95 6.84
N ASP B 137 24.64 17.26 8.11
CA ASP B 137 25.56 16.56 8.96
C ASP B 137 24.81 15.36 9.54
N ARG B 138 25.02 14.19 8.96
CA ARG B 138 24.38 12.98 9.46
C ARG B 138 24.93 12.44 10.81
N GLN B 139 25.91 13.14 11.39
CA GLN B 139 26.41 12.80 12.71
C GLN B 139 25.94 13.78 13.80
N SER B 140 25.15 14.77 13.40
CA SER B 140 24.70 15.79 14.30
C SER B 140 23.80 15.20 15.36
N TYR B 141 23.74 15.85 16.52
CA TYR B 141 22.77 15.43 17.51
C TYR B 141 21.34 15.50 16.99
N ALA B 142 21.01 16.56 16.24
CA ALA B 142 19.67 16.73 15.62
C ALA B 142 19.27 15.58 14.68
N TYR B 143 20.17 15.21 13.78
CA TYR B 143 19.88 14.18 12.81
C TYR B 143 19.70 12.82 13.48
N GLN B 144 20.54 12.51 14.46
CA GLN B 144 20.48 11.27 15.18
C GLN B 144 19.11 11.15 15.86
N ALA B 145 18.62 12.25 16.43
CA ALA B 145 17.37 12.25 17.18
C ALA B 145 16.18 12.08 16.29
N ILE B 146 16.27 12.63 15.11
CA ILE B 146 15.11 12.67 14.24
C ILE B 146 15.10 11.48 13.31
N TYR B 147 16.24 10.79 13.14
CA TYR B 147 16.38 9.75 12.12
C TYR B 147 15.21 8.76 11.96
N ALA B 148 14.84 8.06 13.03
CA ALA B 148 13.81 7.03 12.94
C ALA B 148 12.46 7.63 12.53
N SER B 149 12.24 8.90 12.88
CA SER B 149 11.00 9.61 12.54
C SER B 149 10.89 9.98 11.05
N LEU B 150 11.97 9.77 10.30
CA LEU B 150 11.99 10.05 8.85
C LEU B 150 11.35 8.93 8.04
N THR B 151 11.09 7.78 8.67
CA THR B 151 10.51 6.61 8.02
C THR B 151 9.33 6.07 8.83
N PRO B 152 8.17 5.91 8.18
CA PRO B 152 7.84 6.25 6.80
C PRO B 152 7.91 7.76 6.57
N SER B 153 8.25 8.18 5.37
CA SER B 153 8.02 9.59 5.08
C SER B 153 6.57 9.77 4.61
N TYR B 154 6.18 11.01 4.59
CA TYR B 154 4.88 11.40 4.12
C TYR B 154 5.16 12.58 3.23
N MSE B 155 4.44 12.64 2.12
CA MSE B 155 4.68 13.64 1.09
C MSE B 155 3.36 13.85 0.36
O MSE B 155 2.65 12.90 0.00
CB MSE B 155 5.72 13.18 0.09
CG MSE B 155 7.08 12.92 0.65
SE MSE B 155 8.31 12.20 -0.70
CE MSE B 155 9.72 11.82 0.62
N GLN B 156 3.06 15.12 0.18
CA GLN B 156 1.85 15.58 -0.47
C GLN B 156 2.20 16.13 -1.85
N VAL B 157 1.46 15.66 -2.86
CA VAL B 157 1.64 16.02 -4.25
C VAL B 157 0.50 16.93 -4.72
N SER B 158 0.90 17.97 -5.43
CA SER B 158 -0.01 18.86 -6.13
C SER B 158 0.39 18.89 -7.61
N LEU B 159 -0.43 18.24 -8.45
CA LEU B 159 -0.25 18.25 -9.89
C LEU B 159 -0.98 19.49 -10.40
N SER B 160 -0.31 20.26 -11.29
CA SER B 160 -0.88 21.53 -11.75
C SER B 160 -2.16 21.32 -12.55
N GLU B 161 -3.06 22.29 -12.53
CA GLU B 161 -4.30 22.14 -13.27
C GLU B 161 -4.09 22.29 -14.77
N GLU B 162 -3.17 23.18 -15.17
CA GLU B 162 -2.92 23.35 -16.61
C GLU B 162 -1.48 23.10 -17.00
N SER B 163 -0.56 23.63 -16.23
CA SER B 163 0.85 23.49 -16.56
C SER B 163 1.26 22.03 -16.47
N ASP B 164 2.29 21.64 -17.20
CA ASP B 164 2.76 20.25 -17.21
C ASP B 164 3.83 20.08 -16.09
N THR B 165 3.37 20.30 -14.87
CA THR B 165 4.26 20.35 -13.69
C THR B 165 3.53 19.89 -12.48
N LEU B 166 4.29 19.42 -11.50
CA LEU B 166 3.78 19.07 -10.18
C LEU B 166 4.76 19.50 -9.09
N SER B 167 4.23 19.67 -7.88
CA SER B 167 5.04 20.00 -6.72
C SER B 167 4.80 18.91 -5.68
N ILE B 168 5.84 18.60 -4.93
CA ILE B 168 5.78 17.62 -3.87
C ILE B 168 6.48 18.22 -2.64
N ARG B 169 5.77 18.18 -1.50
CA ARG B 169 6.25 18.66 -0.23
C ARG B 169 6.30 17.54 0.83
N GLN B 170 7.34 17.53 1.63
CA GLN B 170 7.43 16.51 2.68
C GLN B 170 6.50 16.97 3.78
N THR B 171 5.71 16.06 4.32
CA THR B 171 4.85 16.39 5.46
C THR B 171 5.28 15.68 6.77
N VAL B 172 6.53 15.22 6.78
CA VAL B 172 7.11 14.67 8.00
C VAL B 172 7.20 15.69 9.16
N THR B 173 7.74 16.89 8.89
CA THR B 173 7.93 17.86 9.94
C THR B 173 6.70 18.03 10.82
N GLU B 174 5.52 18.06 10.20
CA GLU B 174 4.28 18.28 10.92
C GLU B 174 3.90 17.19 11.90
N THR B 175 4.36 15.98 11.65
CA THR B 175 4.03 14.82 12.46
C THR B 175 4.87 14.78 13.74
N LEU B 176 5.95 15.57 13.78
CA LEU B 176 6.94 15.48 14.86
C LEU B 176 6.45 16.09 16.16
N ALA B 177 7.07 15.71 17.27
CA ALA B 177 6.78 16.35 18.56
C ALA B 177 7.29 17.78 18.54
N GLU B 178 6.70 18.62 19.38
CA GLU B 178 7.07 20.01 19.39
C GLU B 178 8.57 20.15 19.71
N GLU B 179 9.06 19.34 20.63
CA GLU B 179 10.50 19.32 20.97
C GLU B 179 11.38 18.80 19.81
N GLU B 180 10.79 18.05 18.89
CA GLU B 180 11.55 17.50 17.77
C GLU B 180 11.69 18.49 16.62
N LYS B 181 10.70 19.35 16.47
CA LYS B 181 10.71 20.30 15.38
C LYS B 181 11.97 21.17 15.24
N PRO B 182 12.40 21.85 16.30
CA PRO B 182 13.70 22.57 16.20
C PRO B 182 14.91 21.71 15.72
N LEU B 183 14.91 20.43 16.06
CA LEU B 183 16.00 19.57 15.70
C LEU B 183 15.92 19.31 14.20
N ALA B 184 14.73 18.93 13.77
CA ALA B 184 14.46 18.65 12.36
C ALA B 184 14.73 19.85 11.44
N ALA B 185 14.51 21.05 11.97
CA ALA B 185 14.70 22.26 11.16
C ALA B 185 16.17 22.50 10.76
N ILE B 186 17.11 21.92 11.51
CA ILE B 186 18.56 22.07 11.24
C ILE B 186 18.90 21.51 9.85
N PHE B 187 18.12 20.54 9.38
CA PHE B 187 18.44 19.81 8.13
C PHE B 187 17.29 19.43 7.17
N LEU B 188 16.04 19.38 7.66
CA LEU B 188 14.89 19.01 6.85
C LEU B 188 14.16 20.29 6.41
N SER B 189 14.13 20.52 5.11
CA SER B 189 13.54 21.75 4.55
C SER B 189 12.03 21.59 4.25
N PRO B 190 11.24 22.65 4.49
CA PRO B 190 9.84 22.66 4.14
C PRO B 190 9.59 22.96 2.67
N GLU B 191 10.60 23.32 1.91
CA GLU B 191 10.33 23.78 0.55
C GLU B 191 9.94 22.60 -0.34
N PRO B 192 8.83 22.75 -1.09
CA PRO B 192 8.50 21.76 -2.12
C PRO B 192 9.54 21.58 -3.26
N LEU B 193 9.55 20.37 -3.81
CA LEU B 193 10.29 20.01 -4.99
C LEU B 193 9.35 20.06 -6.18
N VAL B 194 9.84 20.60 -7.29
CA VAL B 194 9.06 20.77 -8.48
C VAL B 194 9.55 19.74 -9.50
N TYR B 195 8.60 19.15 -10.22
CA TYR B 195 8.87 18.28 -11.35
C TYR B 195 8.13 18.80 -12.59
N ARG B 196 8.71 18.52 -13.75
N ARG B 196 8.76 18.67 -13.76
CA ARG B 196 8.17 18.93 -15.03
CA ARG B 196 8.11 18.95 -15.06
C ARG B 196 7.83 17.65 -15.84
C ARG B 196 7.79 17.64 -15.77
N TRP B 197 6.62 17.58 -16.37
CA TRP B 197 6.26 16.51 -17.28
C TRP B 197 6.97 16.84 -18.57
N GLN B 198 7.97 16.03 -18.91
CA GLN B 198 8.74 16.21 -20.13
C GLN B 198 9.23 14.83 -20.57
N SER B 199 9.27 14.61 -21.87
N SER B 199 9.29 14.60 -21.87
CA SER B 199 9.85 13.38 -22.39
CA SER B 199 9.87 13.36 -22.38
C SER B 199 9.17 12.17 -21.75
C SER B 199 9.15 12.13 -21.82
N GLY B 200 7.85 12.25 -21.58
CA GLY B 200 7.03 11.11 -21.13
C GLY B 200 7.22 10.67 -19.67
N ARG B 201 7.76 11.56 -18.84
CA ARG B 201 7.88 11.32 -17.42
C ARG B 201 8.01 12.66 -16.64
N PHE B 202 7.92 12.57 -15.31
CA PHE B 202 8.16 13.69 -14.41
C PHE B 202 9.63 13.73 -14.07
N VAL B 203 10.25 14.84 -14.47
CA VAL B 203 11.68 15.04 -14.25
C VAL B 203 11.88 16.16 -13.21
N ARG B 204 12.73 15.91 -12.21
CA ARG B 204 12.98 16.91 -11.14
C ARG B 204 13.60 18.16 -11.75
N GLN B 205 13.04 19.29 -11.35
CA GLN B 205 13.53 20.61 -11.74
C GLN B 205 14.41 21.16 -10.61
N VAL B 206 15.63 21.53 -10.99
CA VAL B 206 16.67 21.95 -10.07
C VAL B 206 16.90 23.49 -10.17
N ARG B 207 16.30 24.14 -11.18
CA ARG B 207 16.15 25.60 -11.23
C ARG B 207 15.19 26.06 -10.14
MG MG C . 8.95 9.74 15.69
#